data_6IFX
#
_entry.id   6IFX
#
_cell.length_a   67.693
_cell.length_b   79.499
_cell.length_c   130.115
_cell.angle_alpha   90.00
_cell.angle_beta   90.00
_cell.angle_gamma   90.00
#
_symmetry.space_group_name_H-M   'P 21 21 21'
#
loop_
_entity.id
_entity.type
_entity.pdbx_description
1 polymer 'Ribosomal RNA small subunit methyltransferase A'
2 water water
#
_entity_poly.entity_id   1
_entity_poly.type   'polypeptide(L)'
_entity_poly.pdbx_seq_one_letter_code
;MNKDIATPIRTKEILKKYGFSFKKSLGQNFLIDTNILNRIVDHAEVTEKTGVIEIGPGIGALTEQLAKRAKKVVAFEIDQ
RLLPILKDTLSPYENVTVIHQDVLKADVKSVIEEQFQDCDEIMVVANLPYYVTTPIIMKLLEEHLPLKGIVVMLQKEVAE
RMANTKRSLSIAVQFYTEAKTVMIVPKTVFVPQPNVDSAVIRLILRDGPAVDVENESFFFQLIKASFAQRRKTLLNNLVN
NLPEGKAQKSTIEQVLEETNIDGKRRGESLSIEEFAALSNGLYKALF
;
_entity_poly.pdbx_strand_id   A,B
#
# COMPACT_ATOMS: atom_id res chain seq x y z
N ILE A 9 5.14 17.21 27.10
CA ILE A 9 4.05 17.66 26.18
C ILE A 9 4.37 19.07 25.61
N ARG A 10 5.42 19.10 24.79
CA ARG A 10 5.77 20.28 23.98
C ARG A 10 4.93 20.38 22.71
N THR A 11 3.92 19.52 22.52
CA THR A 11 3.25 19.29 21.24
C THR A 11 2.20 20.40 21.09
N LYS A 12 2.70 21.56 20.75
CA LYS A 12 1.87 22.78 20.68
C LYS A 12 1.18 22.92 19.34
N GLU A 13 0.15 23.77 19.30
CA GLU A 13 -0.59 24.01 18.06
C GLU A 13 -0.70 22.74 17.23
N TYR A 18 -0.77 25.16 14.10
CA TYR A 18 -0.89 24.11 13.11
C TYR A 18 -2.31 23.58 13.03
N GLY A 19 -2.67 22.68 13.95
CA GLY A 19 -3.99 22.11 13.99
C GLY A 19 -4.04 20.80 14.75
N PHE A 20 -5.14 20.58 15.47
CA PHE A 20 -5.33 19.35 16.27
C PHE A 20 -6.56 18.67 15.76
N GLN A 28 -3.18 10.65 12.13
CA GLN A 28 -1.85 11.23 12.30
C GLN A 28 -1.28 11.04 13.75
N ASN A 29 -2.08 10.51 14.69
CA ASN A 29 -1.89 10.64 16.15
C ASN A 29 -0.50 10.27 16.74
N PHE A 30 -0.09 10.99 17.78
CA PHE A 30 1.32 11.05 18.21
C PHE A 30 1.56 10.47 19.60
N LEU A 31 2.83 10.14 19.87
CA LEU A 31 3.26 9.69 21.19
C LEU A 31 3.33 10.91 22.11
N ILE A 32 3.75 10.70 23.37
CA ILE A 32 3.96 11.80 24.32
C ILE A 32 5.29 11.70 25.09
N ASP A 33 5.42 10.73 26.00
CA ASP A 33 6.64 10.58 26.87
C ASP A 33 7.82 9.74 26.31
N THR A 34 9.02 10.31 26.47
CA THR A 34 10.30 9.69 26.13
C THR A 34 10.62 8.40 26.92
N ASN A 35 10.02 8.30 28.10
CA ASN A 35 9.96 7.06 28.90
C ASN A 35 10.04 5.76 28.07
N ILE A 36 9.17 5.67 27.06
CA ILE A 36 9.08 4.53 26.15
C ILE A 36 10.11 4.59 25.03
N LEU A 37 10.27 5.78 24.45
CA LEU A 37 11.00 5.94 23.20
C LEU A 37 12.42 5.40 23.26
N ASN A 38 13.09 5.59 24.39
CA ASN A 38 14.39 4.98 24.54
C ASN A 38 14.34 3.50 24.93
N ARG A 39 13.18 3.02 25.40
CA ARG A 39 12.93 1.58 25.47
C ARG A 39 12.82 1.04 24.04
N ILE A 40 12.09 1.74 23.17
CA ILE A 40 12.05 1.37 21.75
C ILE A 40 13.47 1.37 21.27
N VAL A 41 14.13 2.51 21.42
CA VAL A 41 15.49 2.66 20.95
C VAL A 41 16.40 1.60 21.59
N ASP A 42 16.09 1.20 22.82
CA ASP A 42 16.75 0.07 23.49
C ASP A 42 16.60 -1.24 22.69
N HIS A 43 15.39 -1.51 22.19
CA HIS A 43 15.13 -2.71 21.40
C HIS A 43 15.68 -2.67 19.97
N ALA A 44 16.01 -1.47 19.49
CA ALA A 44 16.91 -1.35 18.35
C ALA A 44 18.33 -1.58 18.84
N GLU A 45 19.10 -2.38 18.11
CA GLU A 45 20.54 -2.49 18.34
C GLU A 45 21.25 -1.20 17.88
N VAL A 46 20.92 -0.09 18.56
CA VAL A 46 21.27 1.26 18.11
C VAL A 46 22.52 1.76 18.80
N THR A 47 23.43 2.33 18.03
CA THR A 47 24.61 3.03 18.57
C THR A 47 24.98 4.25 17.72
N GLU A 48 25.85 5.07 18.29
CA GLU A 48 26.66 6.03 17.55
C GLU A 48 27.34 5.43 16.30
N LYS A 49 27.58 4.11 16.31
CA LYS A 49 28.06 3.35 15.14
C LYS A 49 26.98 3.06 14.10
N THR A 50 25.79 2.67 14.55
CA THR A 50 24.71 2.31 13.63
C THR A 50 24.01 3.56 13.12
N GLY A 51 23.51 3.48 11.87
CA GLY A 51 22.56 4.45 11.29
C GLY A 51 21.12 3.94 11.38
N VAL A 52 20.15 4.75 10.93
CA VAL A 52 18.72 4.37 11.00
C VAL A 52 17.82 5.02 9.93
N ILE A 53 16.81 4.27 9.49
CA ILE A 53 15.87 4.70 8.44
C ILE A 53 14.49 4.86 9.06
N GLU A 54 14.24 6.05 9.59
CA GLU A 54 12.95 6.35 10.22
C GLU A 54 11.85 6.46 9.12
N ILE A 55 10.70 5.84 9.35
CA ILE A 55 9.57 5.96 8.45
C ILE A 55 8.37 6.41 9.26
N GLY A 56 7.64 7.38 8.69
CA GLY A 56 6.45 7.97 9.31
C GLY A 56 6.78 8.69 10.61
N PRO A 57 7.51 9.82 10.52
CA PRO A 57 8.05 10.42 11.73
C PRO A 57 7.08 11.21 12.58
N GLY A 58 6.23 12.03 11.94
CA GLY A 58 5.37 12.93 12.67
C GLY A 58 6.21 13.98 13.39
N ILE A 59 6.10 14.02 14.72
CA ILE A 59 6.74 15.00 15.60
C ILE A 59 6.01 16.36 15.63
N ALA A 61 9.56 13.16 16.94
CA ALA A 61 9.35 12.65 18.31
C ALA A 61 10.23 11.44 18.60
N LEU A 62 9.97 10.34 17.90
CA LEU A 62 10.83 9.15 17.92
C LEU A 62 12.21 9.57 17.41
N THR A 63 12.18 10.26 16.26
CA THR A 63 13.36 10.70 15.51
C THR A 63 14.33 11.60 16.32
N GLU A 64 13.79 12.39 17.25
CA GLU A 64 14.60 13.23 18.12
C GLU A 64 15.45 12.38 19.05
N GLN A 65 14.84 11.64 19.99
CA GLN A 65 15.56 10.75 20.90
C GLN A 65 16.40 9.73 20.16
N LEU A 66 15.94 9.35 18.97
CA LEU A 66 16.70 8.53 18.04
C LEU A 66 17.95 9.24 17.52
N ALA A 67 17.86 10.53 17.21
CA ALA A 67 19.04 11.30 16.77
C ALA A 67 20.07 11.51 17.88
N LYS A 68 19.62 11.52 19.13
CA LYS A 68 20.50 11.67 20.29
C LYS A 68 21.30 10.43 20.68
N ARG A 69 21.16 9.29 19.96
CA ARG A 69 22.05 8.12 20.14
C ARG A 69 22.50 7.38 18.84
N ALA A 70 22.22 7.93 17.67
CA ALA A 70 22.49 7.22 16.41
C ALA A 70 23.67 7.86 15.71
N LYS A 71 24.19 7.18 14.69
CA LYS A 71 25.20 7.77 13.79
C LYS A 71 24.51 8.84 12.94
N LYS A 72 23.59 8.41 12.09
CA LYS A 72 22.75 9.31 11.30
C LYS A 72 21.35 8.70 11.16
N VAL A 73 20.37 9.58 10.92
CA VAL A 73 18.95 9.22 10.76
C VAL A 73 18.40 9.67 9.42
N VAL A 74 17.58 8.81 8.82
CA VAL A 74 17.04 9.07 7.50
C VAL A 74 15.52 8.90 7.57
N ALA A 75 14.83 10.01 7.80
CA ALA A 75 13.37 10.06 7.91
C ALA A 75 12.67 9.93 6.54
N PHE A 76 11.58 9.18 6.49
CA PHE A 76 10.84 8.96 5.25
C PHE A 76 9.41 9.39 5.46
N GLU A 77 8.96 10.37 4.69
CA GLU A 77 7.59 10.86 4.81
C GLU A 77 7.01 11.34 3.47
N ILE A 78 5.87 10.75 3.12
CA ILE A 78 5.05 11.16 1.98
C ILE A 78 4.18 12.39 2.27
N ASP A 79 3.76 12.54 3.51
CA ASP A 79 3.00 13.71 3.91
C ASP A 79 3.85 14.96 3.76
N GLN A 80 3.43 15.87 2.88
CA GLN A 80 4.09 17.19 2.72
C GLN A 80 3.94 18.05 3.98
N ARG A 81 2.71 18.11 4.50
CA ARG A 81 2.34 18.93 5.67
C ARG A 81 3.30 18.92 6.86
N LEU A 82 4.01 17.81 7.07
CA LEU A 82 4.99 17.64 8.17
C LEU A 82 6.34 18.36 8.01
N LEU A 83 6.76 18.62 6.77
CA LEU A 83 8.11 19.14 6.51
C LEU A 83 8.40 20.55 7.06
N PRO A 84 7.43 21.49 6.98
CA PRO A 84 7.57 22.77 7.72
C PRO A 84 7.51 22.62 9.25
N ILE A 85 6.87 21.55 9.74
CA ILE A 85 6.92 21.20 11.16
C ILE A 85 8.30 20.63 11.52
N LEU A 86 8.77 19.66 10.74
CA LEU A 86 10.14 19.15 10.91
C LEU A 86 11.23 20.14 10.48
N LYS A 87 10.82 21.20 9.79
CA LYS A 87 11.66 22.37 9.56
C LYS A 87 12.20 22.92 10.87
N ASP A 88 11.35 23.03 11.90
CA ASP A 88 11.78 23.50 13.24
C ASP A 88 11.81 22.42 14.34
N THR A 89 10.95 21.39 14.24
CA THR A 89 11.00 20.23 15.12
C THR A 89 12.14 19.37 14.64
N LEU A 90 13.08 19.04 15.50
CA LEU A 90 14.26 18.23 15.09
C LEU A 90 15.24 18.98 14.18
N SER A 91 15.05 20.29 14.04
CA SER A 91 16.00 21.18 13.36
C SER A 91 17.36 21.24 14.07
N PRO A 92 17.37 21.49 15.40
CA PRO A 92 18.64 21.60 16.12
C PRO A 92 19.58 20.41 15.96
N TYR A 93 19.02 19.20 15.92
CA TYR A 93 19.83 18.01 15.74
C TYR A 93 20.43 18.00 14.33
N GLU A 94 21.73 17.71 14.24
CA GLU A 94 22.50 17.83 13.00
C GLU A 94 22.75 16.50 12.27
N ASN A 95 22.36 15.38 12.88
CA ASN A 95 22.53 14.06 12.26
C ASN A 95 21.16 13.51 11.86
N VAL A 96 20.46 14.32 11.06
CA VAL A 96 19.10 14.04 10.59
C VAL A 96 18.95 14.59 9.15
N THR A 97 18.33 13.79 8.27
CA THR A 97 17.96 14.22 6.91
C THR A 97 16.64 13.58 6.46
N VAL A 98 15.62 14.42 6.24
CA VAL A 98 14.23 13.98 6.07
C VAL A 98 13.83 13.89 4.60
N ILE A 99 14.23 12.78 3.97
CA ILE A 99 13.95 12.57 2.54
C ILE A 99 12.45 12.37 2.34
N HIS A 100 11.95 12.99 1.27
CA HIS A 100 10.53 13.13 1.03
C HIS A 100 10.16 12.28 -0.18
N GLN A 101 9.94 11.00 0.08
CA GLN A 101 9.53 10.05 -0.95
C GLN A 101 8.55 9.04 -0.40
N ASP A 102 7.73 8.52 -1.30
CA ASP A 102 6.84 7.41 -1.00
C ASP A 102 7.72 6.21 -0.75
N VAL A 103 7.89 5.89 0.53
CA VAL A 103 8.71 4.75 0.98
C VAL A 103 8.56 3.47 0.14
N LEU A 104 7.33 3.23 -0.31
CA LEU A 104 6.99 2.09 -1.18
C LEU A 104 7.61 2.22 -2.57
N LYS A 105 7.51 3.43 -3.14
CA LYS A 105 8.10 3.79 -4.44
C LYS A 105 9.42 4.54 -4.26
N ALA A 106 10.21 4.09 -3.30
CA ALA A 106 11.36 4.84 -2.84
C ALA A 106 12.65 4.31 -3.44
N ASP A 107 13.72 5.07 -3.28
CA ASP A 107 15.03 4.67 -3.78
C ASP A 107 15.85 4.47 -2.52
N VAL A 108 15.51 3.44 -1.76
CA VAL A 108 16.21 3.21 -0.45
C VAL A 108 17.55 2.45 -0.51
N LYS A 109 17.79 1.63 -1.52
CA LYS A 109 19.16 1.09 -1.77
C LYS A 109 20.09 2.24 -2.13
N SER A 110 19.57 3.09 -3.02
CA SER A 110 20.28 4.26 -3.51
C SER A 110 20.55 5.30 -2.42
N VAL A 111 19.71 5.38 -1.39
CA VAL A 111 19.88 6.35 -0.25
C VAL A 111 20.84 5.83 0.83
N ILE A 112 20.95 4.50 0.94
CA ILE A 112 21.96 3.85 1.79
C ILE A 112 23.38 4.19 1.27
N GLU A 113 23.60 4.06 -0.04
CA GLU A 113 24.87 4.47 -0.64
C GLU A 113 25.05 5.99 -0.48
N GLU A 114 23.96 6.74 -0.55
CA GLU A 114 23.98 8.21 -0.41
C GLU A 114 24.06 8.75 1.01
N GLN A 115 23.83 7.94 2.05
CA GLN A 115 23.85 8.49 3.44
C GLN A 115 24.41 7.73 4.66
N PHE A 116 24.98 6.55 4.46
CA PHE A 116 25.53 5.75 5.55
C PHE A 116 26.90 5.15 5.18
N GLN A 117 27.94 5.57 5.91
CA GLN A 117 29.33 5.15 5.65
C GLN A 117 29.54 3.64 5.42
N ASP A 120 28.74 1.14 10.09
CA ASP A 120 27.37 1.19 9.66
C ASP A 120 26.70 -0.17 9.83
N GLU A 121 25.53 -0.17 10.45
CA GLU A 121 24.78 -1.39 10.65
C GLU A 121 23.38 -1.31 10.04
N ILE A 122 22.69 -0.18 10.25
CA ILE A 122 21.33 0.17 9.78
C ILE A 122 20.19 -0.60 10.43
N MET A 123 19.18 0.09 10.93
CA MET A 123 18.06 -0.59 11.57
C MET A 123 16.79 0.19 11.32
N VAL A 124 16.01 -0.20 10.35
CA VAL A 124 14.87 0.65 10.08
C VAL A 124 13.92 0.63 11.30
N VAL A 125 13.40 1.79 11.64
CA VAL A 125 12.34 1.92 12.62
C VAL A 125 11.26 2.48 11.74
N ALA A 126 10.05 1.95 11.91
CA ALA A 126 8.95 2.32 11.02
C ALA A 126 7.62 2.43 11.74
N ASN A 127 6.88 3.51 11.42
CA ASN A 127 5.54 3.72 11.97
C ASN A 127 4.51 3.78 10.83
N LEU A 128 3.89 2.65 10.54
CA LEU A 128 3.04 2.51 9.35
C LEU A 128 1.70 1.89 9.71
N PRO A 129 0.63 2.27 8.97
CA PRO A 129 -0.70 1.76 9.20
C PRO A 129 -0.96 0.43 8.49
N TYR A 130 -1.81 -0.40 9.09
CA TYR A 130 -2.15 -1.75 8.59
C TYR A 130 -2.19 -1.95 7.05
N TYR A 131 -2.86 -1.02 6.36
CA TYR A 131 -3.11 -1.11 4.91
C TYR A 131 -1.83 -1.35 4.12
N VAL A 132 -0.89 -0.42 4.25
CA VAL A 132 0.37 -0.46 3.51
C VAL A 132 1.55 -1.01 4.33
N THR A 133 1.40 -1.17 5.64
CA THR A 133 2.53 -1.52 6.51
C THR A 133 3.17 -2.86 6.10
N THR A 134 2.33 -3.80 5.69
CA THR A 134 2.79 -5.13 5.34
C THR A 134 3.47 -5.19 3.97
N PRO A 135 2.94 -4.46 2.97
CA PRO A 135 3.72 -4.25 1.74
C PRO A 135 5.11 -3.65 1.94
N ILE A 136 5.23 -2.65 2.83
CA ILE A 136 6.48 -1.89 2.95
C ILE A 136 7.59 -2.78 3.48
N ILE A 137 7.33 -3.41 4.62
CA ILE A 137 8.26 -4.37 5.24
C ILE A 137 8.78 -5.40 4.22
N MET A 138 7.89 -5.87 3.36
CA MET A 138 8.24 -6.74 2.24
C MET A 138 9.25 -6.06 1.34
N LYS A 139 8.87 -4.93 0.77
CA LYS A 139 9.71 -4.19 -0.18
C LYS A 139 11.14 -3.93 0.32
N LEU A 140 11.27 -3.54 1.58
CA LEU A 140 12.58 -3.32 2.21
C LEU A 140 13.40 -4.59 2.21
N LEU A 141 12.80 -5.63 2.75
CA LEU A 141 13.41 -6.96 2.79
C LEU A 141 13.70 -7.48 1.38
N GLU A 142 12.65 -7.45 0.54
CA GLU A 142 12.57 -8.12 -0.76
C GLU A 142 13.77 -8.00 -1.70
N GLU A 143 14.45 -6.85 -1.69
CA GLU A 143 15.64 -6.59 -2.54
C GLU A 143 16.98 -7.00 -1.88
N HIS A 144 16.93 -7.85 -0.84
CA HIS A 144 18.11 -8.31 -0.10
C HIS A 144 18.97 -7.15 0.41
N LEU A 145 18.30 -6.15 0.98
CA LEU A 145 18.99 -4.97 1.45
C LEU A 145 19.77 -5.30 2.74
N PRO A 146 20.91 -4.63 2.99
CA PRO A 146 21.82 -5.03 4.07
C PRO A 146 21.50 -4.35 5.41
N LEU A 147 20.44 -4.83 6.06
CA LEU A 147 19.99 -4.27 7.35
C LEU A 147 20.23 -5.24 8.51
N LYS A 148 20.39 -4.69 9.72
CA LYS A 148 20.46 -5.49 10.94
C LYS A 148 19.09 -6.05 11.26
N GLY A 149 18.07 -5.18 11.29
CA GLY A 149 16.69 -5.63 11.49
C GLY A 149 15.64 -4.56 11.25
N ILE A 150 14.37 -4.94 11.33
CA ILE A 150 13.23 -4.08 10.97
C ILE A 150 12.23 -4.02 12.11
N VAL A 151 12.33 -2.99 12.96
CA VAL A 151 11.34 -2.82 14.05
C VAL A 151 10.14 -2.01 13.58
N VAL A 152 8.96 -2.41 14.03
CA VAL A 152 7.73 -1.75 13.63
C VAL A 152 6.74 -1.61 14.80
N MET A 153 6.12 -0.43 14.91
CA MET A 153 5.02 -0.22 15.84
C MET A 153 3.71 -0.45 15.11
N LEU A 154 2.89 -1.35 15.69
CA LEU A 154 1.59 -1.74 15.16
C LEU A 154 0.58 -1.83 16.32
N GLN A 155 -0.66 -2.23 16.04
CA GLN A 155 -1.69 -2.40 17.09
C GLN A 155 -1.45 -3.63 17.98
N LYS A 156 -2.14 -3.69 19.12
CA LYS A 156 -1.96 -4.77 20.10
C LYS A 156 -2.47 -6.08 19.53
N GLU A 157 -3.66 -6.03 18.93
CA GLU A 157 -4.26 -7.18 18.27
C GLU A 157 -3.27 -7.82 17.29
N VAL A 158 -2.89 -7.04 16.29
CA VAL A 158 -2.13 -7.55 15.13
C VAL A 158 -0.80 -8.24 15.47
N ALA A 159 -0.13 -7.75 16.50
CA ALA A 159 1.17 -8.29 16.93
C ALA A 159 1.01 -9.66 17.59
N GLU A 160 0.03 -9.73 18.48
CA GLU A 160 -0.33 -10.97 19.16
C GLU A 160 -0.71 -12.08 18.19
N ARG A 161 -1.25 -11.72 17.03
CA ARG A 161 -1.60 -12.67 15.95
C ARG A 161 -0.61 -13.81 15.67
N MET A 162 0.66 -13.66 16.07
CA MET A 162 1.64 -14.76 16.04
C MET A 162 1.24 -15.97 16.88
N ILE A 171 3.24 -12.42 11.21
CA ILE A 171 4.24 -13.40 10.80
C ILE A 171 3.99 -13.92 9.38
N ALA A 172 3.73 -12.98 8.45
CA ALA A 172 3.39 -13.29 7.04
C ALA A 172 4.49 -14.08 6.29
N VAL A 173 5.71 -13.55 6.31
CA VAL A 173 6.90 -14.30 5.89
C VAL A 173 7.93 -14.31 7.05
N GLN A 174 8.01 -15.48 7.71
CA GLN A 174 9.15 -15.79 8.59
C GLN A 174 10.36 -16.37 7.81
N PHE A 175 10.27 -16.42 6.48
CA PHE A 175 11.43 -16.76 5.62
C PHE A 175 12.59 -15.77 5.80
N TYR A 176 12.35 -14.48 5.53
CA TYR A 176 13.43 -13.46 5.59
C TYR A 176 13.90 -13.14 7.01
N THR A 177 13.01 -13.27 7.99
CA THR A 177 13.37 -12.98 9.37
C THR A 177 12.39 -13.54 10.38
N GLU A 178 12.93 -13.81 11.57
CA GLU A 178 12.19 -14.36 12.69
C GLU A 178 11.95 -13.23 13.69
N ALA A 179 10.76 -13.23 14.31
CA ALA A 179 10.27 -12.05 15.06
C ALA A 179 10.10 -12.29 16.56
N LYS A 180 10.14 -11.19 17.32
CA LYS A 180 9.80 -11.17 18.75
C LYS A 180 8.97 -9.93 19.10
N THR A 181 7.77 -10.16 19.65
CA THR A 181 6.86 -9.08 20.01
C THR A 181 7.32 -8.49 21.35
N VAL A 182 8.42 -7.77 21.32
CA VAL A 182 8.98 -7.30 22.57
C VAL A 182 8.43 -5.93 22.91
N MET A 183 8.11 -5.72 24.19
CA MET A 183 7.64 -4.44 24.73
C MET A 183 6.28 -4.01 24.17
N ILE A 184 5.27 -3.99 25.05
CA ILE A 184 3.94 -3.50 24.73
C ILE A 184 3.92 -1.97 24.89
N VAL A 185 3.04 -1.27 24.16
CA VAL A 185 2.92 0.21 24.25
C VAL A 185 1.47 0.66 24.43
N PRO A 186 1.15 1.30 25.58
CA PRO A 186 -0.25 1.57 25.92
C PRO A 186 -0.82 2.86 25.34
N LYS A 187 -2.13 2.87 25.13
CA LYS A 187 -2.92 4.06 24.79
C LYS A 187 -2.56 5.28 25.64
N THR A 188 -2.28 5.03 26.92
CA THR A 188 -1.97 6.10 27.87
C THR A 188 -0.65 6.86 27.64
N VAL A 189 0.07 6.59 26.54
CA VAL A 189 1.24 7.39 26.12
C VAL A 189 1.04 7.96 24.70
N PHE A 190 -0.18 8.43 24.41
CA PHE A 190 -0.52 9.01 23.10
C PHE A 190 -1.38 10.27 23.28
N VAL A 191 -1.42 11.13 22.26
CA VAL A 191 -2.09 12.47 22.37
C VAL A 191 -3.59 12.52 22.02
N PRO A 192 -3.99 12.10 20.81
CA PRO A 192 -5.42 11.77 20.73
C PRO A 192 -5.86 10.55 21.57
N GLN A 193 -4.92 9.72 22.05
CA GLN A 193 -5.22 8.55 22.87
C GLN A 193 -6.11 7.55 22.12
N PRO A 194 -5.51 6.75 21.22
CA PRO A 194 -6.31 5.78 20.47
C PRO A 194 -6.87 4.74 21.44
N ASN A 195 -8.05 4.20 21.16
CA ASN A 195 -8.74 3.31 22.12
C ASN A 195 -7.92 2.06 22.45
N VAL A 196 -7.55 1.29 21.42
CA VAL A 196 -6.75 0.08 21.60
C VAL A 196 -5.26 0.38 21.77
N ASP A 197 -4.68 -0.19 22.83
CA ASP A 197 -3.25 -0.16 23.06
C ASP A 197 -2.52 -0.82 21.90
N SER A 198 -1.22 -0.52 21.76
CA SER A 198 -0.41 -0.94 20.61
C SER A 198 0.72 -1.93 21.03
N ALA A 199 1.66 -2.22 20.12
CA ALA A 199 2.85 -3.03 20.41
C ALA A 199 4.00 -2.75 19.42
N VAL A 200 5.20 -3.15 19.82
CA VAL A 200 6.39 -3.04 18.99
C VAL A 200 6.89 -4.43 18.63
N ILE A 201 7.47 -4.57 17.45
CA ILE A 201 7.89 -5.88 16.98
C ILE A 201 9.18 -5.74 16.19
N ARG A 202 10.26 -6.31 16.73
CA ARG A 202 11.56 -6.28 16.06
C ARG A 202 11.81 -7.57 15.29
N LEU A 203 12.49 -7.41 14.16
CA LEU A 203 12.72 -8.49 13.22
C LEU A 203 14.16 -8.41 12.71
N ILE A 204 15.06 -9.12 13.39
CA ILE A 204 16.47 -9.22 13.01
C ILE A 204 16.64 -10.35 11.98
N LEU A 205 17.24 -10.02 10.84
CA LEU A 205 17.26 -10.93 9.70
C LEU A 205 18.38 -11.94 9.87
N ARG A 206 18.16 -13.14 9.32
CA ARG A 206 19.25 -14.04 8.93
C ARG A 206 18.70 -15.07 7.95
N GLU A 216 15.52 -20.88 -8.38
CA GLU A 216 14.59 -21.72 -7.63
C GLU A 216 13.42 -20.92 -7.05
N SER A 217 13.70 -19.75 -6.47
CA SER A 217 12.68 -18.96 -5.73
C SER A 217 11.62 -18.26 -6.62
N PHE A 218 10.82 -19.07 -7.32
CA PHE A 218 9.49 -18.67 -7.78
C PHE A 218 8.48 -18.90 -6.66
N PHE A 219 8.91 -19.62 -5.62
CA PHE A 219 8.30 -19.62 -4.28
C PHE A 219 7.53 -18.33 -3.94
N PHE A 220 8.18 -17.19 -4.15
CA PHE A 220 7.54 -15.90 -3.90
C PHE A 220 6.43 -15.57 -4.89
N GLN A 221 6.56 -16.08 -6.11
CA GLN A 221 5.44 -16.12 -7.05
C GLN A 221 4.35 -17.12 -6.60
N LEU A 222 4.73 -18.18 -5.89
CA LEU A 222 3.76 -19.19 -5.41
C LEU A 222 2.82 -18.65 -4.34
N ILE A 223 3.37 -18.10 -3.27
CA ILE A 223 2.54 -17.57 -2.19
C ILE A 223 1.60 -16.46 -2.69
N LYS A 224 2.03 -15.69 -3.69
CA LYS A 224 1.18 -14.68 -4.31
C LYS A 224 0.00 -15.33 -5.03
N ALA A 225 0.32 -16.41 -5.75
CA ALA A 225 -0.67 -17.17 -6.55
C ALA A 225 -1.69 -17.92 -5.70
N SER A 226 -1.20 -18.49 -4.59
CA SER A 226 -2.04 -19.26 -3.68
C SER A 226 -3.04 -18.43 -2.84
N PHE A 227 -2.82 -17.11 -2.71
CA PHE A 227 -3.63 -16.23 -1.84
C PHE A 227 -4.64 -15.33 -2.59
N ALA A 228 -4.76 -15.49 -3.92
CA ALA A 228 -5.58 -14.61 -4.78
C ALA A 228 -7.03 -14.41 -4.33
N GLN A 229 -7.81 -15.48 -4.39
CA GLN A 229 -9.19 -15.46 -3.90
C GLN A 229 -9.30 -15.42 -2.37
N ARG A 230 -8.28 -15.97 -1.67
CA ARG A 230 -8.19 -15.94 -0.19
C ARG A 230 -9.18 -16.88 0.50
N ARG A 231 -10.46 -16.76 0.15
CA ARG A 231 -11.58 -17.53 0.71
C ARG A 231 -11.80 -18.88 0.00
N LYS A 232 -11.58 -18.91 -1.32
CA LYS A 232 -11.87 -20.12 -2.11
C LYS A 232 -10.74 -21.17 -2.07
N THR A 233 -11.05 -22.37 -2.58
CA THR A 233 -10.15 -23.54 -2.49
C THR A 233 -8.84 -23.37 -3.25
N LEU A 234 -7.86 -24.24 -2.97
CA LEU A 234 -6.54 -24.21 -3.62
C LEU A 234 -6.57 -24.44 -5.13
N LEU A 235 -7.50 -25.29 -5.62
CA LEU A 235 -7.77 -25.40 -7.06
C LEU A 235 -7.86 -23.99 -7.62
N ASN A 236 -8.81 -23.25 -7.06
CA ASN A 236 -9.20 -21.93 -7.55
C ASN A 236 -8.02 -20.93 -7.60
N ASN A 237 -7.15 -20.98 -6.60
CA ASN A 237 -6.05 -20.02 -6.47
C ASN A 237 -4.94 -20.33 -7.47
N LEU A 238 -4.61 -21.62 -7.62
CA LEU A 238 -3.67 -22.06 -8.65
C LEU A 238 -4.36 -22.34 -10.01
N VAL A 239 -5.49 -21.69 -10.25
CA VAL A 239 -5.96 -21.34 -11.60
C VAL A 239 -6.20 -19.80 -11.62
N ASN A 240 -5.33 -19.09 -10.90
CA ASN A 240 -4.97 -17.71 -11.15
C ASN A 240 -3.44 -17.72 -11.04
N ASN A 241 -2.80 -18.43 -11.96
CA ASN A 241 -1.35 -18.61 -11.98
C ASN A 241 -0.79 -19.07 -13.33
N LEU A 242 0.46 -18.72 -13.62
CA LEU A 242 1.06 -19.11 -14.88
C LEU A 242 0.83 -20.59 -15.18
N PRO A 243 0.15 -20.86 -16.30
CA PRO A 243 -0.17 -22.22 -16.75
C PRO A 243 -0.64 -23.16 -15.63
N GLN A 254 -0.28 -27.93 -14.76
CA GLN A 254 -1.54 -28.56 -15.08
C GLN A 254 -1.76 -29.84 -14.26
N VAL A 255 -0.75 -30.71 -14.24
CA VAL A 255 -0.77 -31.91 -13.40
C VAL A 255 0.08 -31.69 -12.13
N LEU A 256 -0.48 -32.12 -11.01
CA LEU A 256 0.11 -31.87 -9.68
C LEU A 256 -0.41 -32.80 -8.55
N GLU A 257 0.37 -33.84 -8.26
CA GLU A 257 0.15 -34.73 -7.12
C GLU A 257 0.54 -34.02 -5.83
N GLU A 258 -0.28 -34.23 -4.81
CA GLU A 258 -0.05 -33.69 -3.48
C GLU A 258 1.10 -34.39 -2.78
N THR A 259 1.97 -33.58 -2.16
CA THR A 259 3.00 -34.07 -1.24
C THR A 259 2.48 -33.95 0.20
N ASN A 260 1.73 -34.96 0.61
CA ASN A 260 1.07 -35.03 1.91
C ASN A 260 0.27 -33.76 2.24
N ILE A 261 -0.71 -33.42 1.40
CA ILE A 261 -1.46 -32.15 1.50
C ILE A 261 -2.84 -32.15 0.81
N ASP A 262 -3.90 -31.86 1.58
CA ASP A 262 -5.27 -31.83 1.06
C ASP A 262 -5.43 -30.81 -0.07
N GLY A 263 -6.14 -31.22 -1.11
CA GLY A 263 -6.45 -30.37 -2.26
C GLY A 263 -7.21 -29.15 -1.79
N LYS A 264 -8.41 -29.38 -1.27
CA LYS A 264 -9.36 -28.30 -1.01
C LYS A 264 -8.99 -27.41 0.19
N ARG A 265 -8.02 -27.84 0.99
CA ARG A 265 -7.38 -26.98 2.01
C ARG A 265 -7.00 -25.62 1.45
N ARG A 266 -7.07 -24.58 2.29
CA ARG A 266 -6.91 -23.16 1.89
C ARG A 266 -5.53 -22.54 2.20
N GLY A 267 -5.30 -21.37 1.61
CA GLY A 267 -3.99 -20.72 1.65
C GLY A 267 -3.47 -20.40 3.03
N GLU A 268 -4.33 -19.80 3.86
CA GLU A 268 -3.93 -19.33 5.19
C GLU A 268 -3.69 -20.45 6.23
N SER A 269 -3.85 -21.72 5.82
CA SER A 269 -3.58 -22.87 6.70
C SER A 269 -2.13 -23.32 6.68
N LEU A 270 -1.61 -23.52 5.47
CA LEU A 270 -0.34 -24.26 5.22
C LEU A 270 0.84 -23.74 6.01
N SER A 271 1.52 -24.62 6.76
CA SER A 271 2.68 -24.21 7.55
C SER A 271 3.77 -23.68 6.64
N ILE A 272 4.66 -22.89 7.22
CA ILE A 272 5.69 -22.16 6.45
C ILE A 272 6.67 -23.13 5.76
N GLU A 273 7.01 -24.22 6.45
CA GLU A 273 7.87 -25.26 5.89
C GLU A 273 7.12 -26.10 4.85
N GLU A 274 5.85 -26.39 5.13
CA GLU A 274 4.94 -27.03 4.16
C GLU A 274 4.89 -26.28 2.84
N PHE A 275 4.83 -24.96 2.90
CA PHE A 275 4.76 -24.10 1.72
C PHE A 275 6.00 -24.11 0.83
N ALA A 276 7.15 -24.49 1.40
CA ALA A 276 8.35 -24.76 0.60
C ALA A 276 8.19 -26.03 -0.27
N ALA A 277 7.69 -27.10 0.35
CA ALA A 277 7.57 -28.42 -0.31
C ALA A 277 6.81 -28.35 -1.64
N LEU A 278 5.72 -27.59 -1.65
CA LEU A 278 4.89 -27.39 -2.84
C LEU A 278 5.66 -26.70 -3.96
N SER A 279 6.38 -25.64 -3.59
CA SER A 279 7.20 -24.88 -4.53
C SER A 279 8.17 -25.77 -5.29
N ASN A 280 8.67 -26.83 -4.63
CA ASN A 280 9.61 -27.78 -5.26
C ASN A 280 8.94 -28.78 -6.22
N GLY A 281 7.90 -28.30 -6.91
CA GLY A 281 7.20 -29.04 -7.92
C GLY A 281 8.01 -28.95 -9.18
N LEU A 282 8.18 -27.74 -9.72
CA LEU A 282 8.86 -27.55 -11.00
C LEU A 282 9.37 -26.10 -11.16
N TYR A 283 10.40 -25.75 -10.38
CA TYR A 283 10.94 -24.37 -10.33
C TYR A 283 11.89 -24.01 -11.47
N PRO B 8 -23.71 19.85 4.92
CA PRO B 8 -22.74 20.19 5.95
C PRO B 8 -23.24 19.90 7.37
N ILE B 9 -24.53 20.10 7.60
CA ILE B 9 -25.14 19.89 8.90
C ILE B 9 -25.16 18.40 9.30
N ARG B 10 -25.75 17.55 8.46
CA ARG B 10 -25.81 16.12 8.73
C ARG B 10 -24.41 15.59 8.95
N THR B 11 -23.53 15.92 8.01
CA THR B 11 -22.11 15.47 8.03
C THR B 11 -21.24 15.97 9.22
N LYS B 12 -21.73 16.87 10.08
CA LYS B 12 -21.18 17.05 11.41
C LYS B 12 -21.81 16.00 12.33
N GLU B 13 -21.41 14.75 12.12
CA GLU B 13 -22.02 13.56 12.74
C GLU B 13 -21.27 13.15 14.01
N ILE B 14 -21.57 13.85 15.08
CA ILE B 14 -20.89 13.63 16.32
C ILE B 14 -21.27 12.41 17.13
N LEU B 15 -20.30 11.51 17.18
CA LEU B 15 -20.33 10.29 17.95
C LEU B 15 -19.00 10.52 18.63
N LYS B 16 -18.43 11.67 18.27
CA LYS B 16 -17.12 12.18 18.78
C LYS B 16 -15.90 12.33 17.84
N LYS B 17 -15.95 13.27 16.88
CA LYS B 17 -14.84 13.47 15.92
C LYS B 17 -14.75 14.88 15.35
N TYR B 18 -13.55 15.50 15.45
CA TYR B 18 -13.29 16.91 15.08
C TYR B 18 -14.54 17.81 15.20
N GLN B 28 -8.03 11.29 7.66
CA GLN B 28 -9.48 11.39 7.56
C GLN B 28 -10.00 12.85 7.33
N ASN B 29 -10.62 13.07 6.16
CA ASN B 29 -11.45 14.27 5.85
C ASN B 29 -12.54 14.03 4.77
N PHE B 30 -13.69 14.70 4.92
CA PHE B 30 -14.92 14.31 4.21
C PHE B 30 -15.40 15.36 3.23
N LEU B 31 -16.23 14.93 2.29
CA LEU B 31 -16.90 15.83 1.34
C LEU B 31 -18.03 16.54 2.09
N ILE B 32 -18.75 17.43 1.41
CA ILE B 32 -19.81 18.22 2.07
C ILE B 32 -21.06 18.35 1.19
N THR B 34 -23.41 17.18 -2.14
CA THR B 34 -24.31 16.50 -3.09
C THR B 34 -24.11 17.08 -4.51
N ASN B 35 -24.10 18.41 -4.57
CA ASN B 35 -23.71 19.18 -5.77
C ASN B 35 -22.74 18.43 -6.72
N ILE B 36 -21.63 17.96 -6.15
CA ILE B 36 -20.59 17.24 -6.87
C ILE B 36 -20.89 15.76 -6.98
N LEU B 37 -21.36 15.18 -5.88
CA LEU B 37 -21.44 13.72 -5.75
C LEU B 37 -22.21 13.03 -6.86
N ASN B 38 -23.30 13.64 -7.28
CA ASN B 38 -24.02 13.11 -8.42
C ASN B 38 -23.41 13.50 -9.77
N ARG B 39 -22.52 14.51 -9.78
CA ARG B 39 -21.62 14.73 -10.92
C ARG B 39 -20.63 13.57 -10.97
N ILE B 40 -20.06 13.19 -9.83
CA ILE B 40 -19.20 12.00 -9.78
C ILE B 40 -20.03 10.85 -10.30
N VAL B 41 -21.16 10.63 -9.66
CA VAL B 41 -22.01 9.51 -10.02
C VAL B 41 -22.43 9.62 -11.50
N ASP B 42 -22.55 10.85 -12.00
CA ASP B 42 -22.76 11.10 -13.44
C ASP B 42 -21.62 10.52 -14.30
N HIS B 43 -20.37 10.73 -13.87
CA HIS B 43 -19.21 10.20 -14.59
C HIS B 43 -18.99 8.70 -14.45
N ALA B 44 -19.64 8.08 -13.45
CA ALA B 44 -19.83 6.65 -13.47
C ALA B 44 -20.98 6.35 -14.43
N GLU B 45 -20.80 5.35 -15.29
CA GLU B 45 -21.93 4.80 -16.07
C GLU B 45 -22.83 3.97 -15.11
N VAL B 46 -23.47 4.69 -14.18
CA VAL B 46 -24.19 4.09 -13.05
C VAL B 46 -25.67 3.98 -13.34
N THR B 47 -26.24 2.81 -13.04
CA THR B 47 -27.69 2.61 -13.10
C THR B 47 -28.18 1.68 -11.99
N GLU B 48 -29.49 1.69 -11.81
CA GLU B 48 -30.23 0.60 -11.17
C GLU B 48 -29.83 -0.80 -11.67
N LYS B 49 -29.33 -0.90 -12.91
CA LYS B 49 -28.73 -2.13 -13.47
C LYS B 49 -27.30 -2.42 -12.97
N THR B 50 -26.46 -1.40 -12.90
CA THR B 50 -25.08 -1.58 -12.47
C THR B 50 -24.98 -1.67 -10.95
N GLY B 51 -24.00 -2.45 -10.47
CA GLY B 51 -23.58 -2.46 -9.04
C GLY B 51 -22.34 -1.62 -8.83
N VAL B 52 -21.87 -1.53 -7.58
CA VAL B 52 -20.66 -0.71 -7.24
C VAL B 52 -19.89 -1.19 -6.00
N ILE B 53 -18.57 -1.06 -6.06
CA ILE B 53 -17.66 -1.49 -5.00
C ILE B 53 -17.00 -0.24 -4.41
N GLU B 54 -17.68 0.34 -3.43
CA GLU B 54 -17.21 1.55 -2.76
C GLU B 54 -15.99 1.20 -1.90
N ILE B 55 -14.93 2.00 -1.98
CA ILE B 55 -13.77 1.83 -1.12
C ILE B 55 -13.50 3.15 -0.40
N GLY B 56 -13.24 3.04 0.90
CA GLY B 56 -12.94 4.20 1.75
C GLY B 56 -14.14 5.14 1.87
N PRO B 57 -15.20 4.68 2.55
CA PRO B 57 -16.45 5.44 2.52
C PRO B 57 -16.48 6.68 3.41
N GLY B 58 -15.96 6.57 4.64
CA GLY B 58 -16.18 7.60 5.65
C GLY B 58 -17.65 7.60 6.03
N ILE B 59 -18.32 8.73 5.86
CA ILE B 59 -19.74 8.83 6.19
C ILE B 59 -20.19 10.29 6.29
N ALA B 61 -21.31 9.37 2.86
CA ALA B 61 -21.50 10.53 2.00
C ALA B 61 -21.65 10.11 0.54
N LEU B 62 -20.56 9.65 -0.05
CA LEU B 62 -20.56 9.21 -1.45
C LEU B 62 -21.54 8.05 -1.56
N THR B 63 -21.40 7.10 -0.64
CA THR B 63 -22.15 5.85 -0.61
C THR B 63 -23.67 6.03 -0.51
N GLU B 64 -24.12 7.10 0.15
CA GLU B 64 -25.55 7.43 0.25
C GLU B 64 -26.11 7.76 -1.12
N GLN B 65 -25.69 8.88 -1.74
CA GLN B 65 -26.16 9.27 -3.07
C GLN B 65 -25.89 8.20 -4.11
N LEU B 66 -24.82 7.44 -3.89
CA LEU B 66 -24.52 6.25 -4.67
C LEU B 66 -25.58 5.14 -4.50
N ALA B 67 -26.05 4.91 -3.27
CA ALA B 67 -27.09 3.91 -3.02
C ALA B 67 -28.46 4.31 -3.61
N LYS B 68 -28.70 5.61 -3.73
CA LYS B 68 -29.94 6.13 -4.31
C LYS B 68 -30.05 6.05 -5.84
N ARG B 69 -29.04 5.54 -6.55
CA ARG B 69 -29.15 5.23 -8.01
C ARG B 69 -28.52 3.91 -8.50
N ALA B 70 -28.06 3.04 -7.60
CA ALA B 70 -27.32 1.85 -8.00
C ALA B 70 -28.16 0.61 -7.79
N LYS B 71 -27.72 -0.52 -8.34
CA LYS B 71 -28.34 -1.83 -8.06
C LYS B 71 -28.04 -2.22 -6.61
N LYS B 72 -26.76 -2.46 -6.34
CA LYS B 72 -26.28 -2.71 -4.98
C LYS B 72 -24.90 -2.08 -4.81
N VAL B 73 -24.55 -1.80 -3.55
CA VAL B 73 -23.28 -1.16 -3.17
C VAL B 73 -22.50 -2.00 -2.17
N VAL B 74 -21.19 -2.07 -2.37
CA VAL B 74 -20.33 -2.92 -1.57
C VAL B 74 -19.19 -2.08 -1.04
N ALA B 75 -19.37 -1.55 0.17
CA ALA B 75 -18.37 -0.69 0.83
C ALA B 75 -17.19 -1.50 1.38
N PHE B 76 -15.98 -0.96 1.25
CA PHE B 76 -14.77 -1.61 1.71
C PHE B 76 -14.07 -0.67 2.67
N GLU B 77 -13.89 -1.10 3.92
CA GLU B 77 -13.20 -0.27 4.91
C GLU B 77 -12.42 -1.11 5.92
N ILE B 78 -11.13 -0.79 6.02
CA ILE B 78 -10.24 -1.34 7.06
C ILE B 78 -10.38 -0.64 8.41
N ASP B 79 -10.71 0.65 8.39
CA ASP B 79 -10.96 1.40 9.62
C ASP B 79 -12.18 0.81 10.33
N GLN B 80 -11.95 0.27 11.54
CA GLN B 80 -13.05 -0.23 12.39
C GLN B 80 -13.97 0.90 12.86
N ARG B 81 -13.36 2.00 13.33
CA ARG B 81 -14.05 3.17 13.88
C ARG B 81 -15.27 3.68 13.10
N LEU B 82 -15.26 3.50 11.77
CA LEU B 82 -16.37 3.93 10.89
C LEU B 82 -17.64 3.07 10.91
N LEU B 83 -17.54 1.80 11.27
CA LEU B 83 -18.67 0.86 11.17
C LEU B 83 -19.86 1.15 12.10
N PRO B 84 -19.61 1.61 13.35
CA PRO B 84 -20.68 2.17 14.17
C PRO B 84 -21.27 3.49 13.66
N ILE B 85 -20.48 4.25 12.89
CA ILE B 85 -20.98 5.43 12.17
C ILE B 85 -21.84 5.00 10.98
N LEU B 86 -21.34 4.08 10.15
CA LEU B 86 -22.14 3.51 9.07
C LEU B 86 -23.26 2.56 9.57
N LYS B 87 -23.18 2.18 10.85
CA LYS B 87 -24.28 1.53 11.55
C LYS B 87 -25.56 2.35 11.44
N ASP B 88 -25.47 3.67 11.64
CA ASP B 88 -26.63 4.58 11.52
C ASP B 88 -26.62 5.51 10.30
N THR B 89 -25.44 5.88 9.79
CA THR B 89 -25.33 6.74 8.59
C THR B 89 -26.02 6.14 7.35
N LEU B 90 -25.42 5.11 6.76
CA LEU B 90 -25.99 4.50 5.58
C LEU B 90 -27.06 3.44 5.92
N SER B 91 -27.61 3.48 7.14
CA SER B 91 -28.52 2.44 7.63
C SER B 91 -29.85 2.38 6.86
N PRO B 92 -30.53 3.53 6.70
CA PRO B 92 -31.86 3.50 6.06
C PRO B 92 -31.89 2.86 4.67
N TYR B 93 -30.84 3.08 3.89
CA TYR B 93 -30.76 2.51 2.56
C TYR B 93 -30.58 1.00 2.67
N GLU B 94 -31.34 0.25 1.85
CA GLU B 94 -31.40 -1.22 1.92
C GLU B 94 -30.55 -1.96 0.89
N ASN B 95 -29.92 -1.23 -0.04
CA ASN B 95 -29.06 -1.84 -1.07
C ASN B 95 -27.60 -1.52 -0.78
N VAL B 96 -27.18 -1.81 0.46
CA VAL B 96 -25.83 -1.48 0.95
C VAL B 96 -25.32 -2.61 1.86
N THR B 97 -24.07 -3.02 1.69
CA THR B 97 -23.40 -4.01 2.57
C THR B 97 -21.90 -3.68 2.74
N VAL B 98 -21.49 -3.36 3.97
CA VAL B 98 -20.17 -2.79 4.26
C VAL B 98 -19.17 -3.85 4.72
N ILE B 99 -18.60 -4.57 3.77
CA ILE B 99 -17.62 -5.62 4.09
C ILE B 99 -16.34 -4.98 4.66
N HIS B 100 -15.81 -5.62 5.69
CA HIS B 100 -14.76 -5.06 6.52
C HIS B 100 -13.49 -5.87 6.31
N GLN B 101 -12.78 -5.52 5.24
CA GLN B 101 -11.51 -6.18 4.91
C GLN B 101 -10.52 -5.19 4.34
N ASP B 102 -9.25 -5.53 4.52
CA ASP B 102 -8.16 -4.78 3.92
C ASP B 102 -8.25 -5.01 2.42
N VAL B 103 -8.79 -4.01 1.72
CA VAL B 103 -8.95 -4.02 0.26
C VAL B 103 -7.79 -4.69 -0.50
N LEU B 104 -6.57 -4.40 -0.03
CA LEU B 104 -5.33 -4.95 -0.60
C LEU B 104 -5.21 -6.46 -0.38
N LYS B 105 -5.53 -6.89 0.84
CA LYS B 105 -5.55 -8.32 1.23
C LYS B 105 -6.98 -8.87 1.21
N ALA B 106 -7.74 -8.48 0.20
CA ALA B 106 -9.16 -8.70 0.21
C ALA B 106 -9.57 -9.92 -0.63
N ASP B 107 -10.86 -10.22 -0.48
CA ASP B 107 -11.50 -11.40 -1.02
C ASP B 107 -12.38 -11.02 -2.28
N VAL B 108 -11.96 -10.01 -3.06
CA VAL B 108 -12.86 -9.26 -3.97
C VAL B 108 -13.42 -10.05 -5.17
N LYS B 109 -12.68 -11.05 -5.68
CA LYS B 109 -13.24 -11.97 -6.68
C LYS B 109 -14.34 -12.80 -6.02
N SER B 110 -14.04 -13.27 -4.82
CA SER B 110 -14.95 -14.07 -4.02
C SER B 110 -16.23 -13.30 -3.62
N VAL B 111 -16.16 -11.97 -3.46
CA VAL B 111 -17.36 -11.17 -3.09
C VAL B 111 -18.22 -10.77 -4.29
N ILE B 112 -17.60 -10.70 -5.47
CA ILE B 112 -18.33 -10.54 -6.75
C ILE B 112 -19.25 -11.76 -7.00
N GLU B 113 -18.73 -12.97 -6.81
CA GLU B 113 -19.56 -14.17 -6.89
C GLU B 113 -20.62 -14.16 -5.77
N GLU B 114 -20.26 -13.63 -4.61
CA GLU B 114 -21.15 -13.54 -3.44
C GLU B 114 -22.17 -12.39 -3.46
N GLN B 115 -22.01 -11.40 -4.36
CA GLN B 115 -22.97 -10.30 -4.50
C GLN B 115 -22.97 -9.84 -5.94
N PHE B 116 -23.98 -9.10 -6.36
CA PHE B 116 -24.17 -8.74 -7.78
C PHE B 116 -24.45 -9.98 -8.66
N GLN B 117 -25.67 -10.07 -9.19
CA GLN B 117 -26.03 -11.09 -10.19
C GLN B 117 -27.34 -10.67 -10.83
N CYS B 119 -27.77 -6.72 -12.60
CA CYS B 119 -26.60 -6.44 -11.75
C CYS B 119 -25.40 -7.30 -12.11
N ASP B 120 -24.95 -7.13 -13.36
CA ASP B 120 -23.64 -7.59 -13.78
C ASP B 120 -22.66 -6.41 -13.77
N GLU B 121 -22.76 -5.50 -14.75
CA GLU B 121 -21.81 -4.39 -14.98
C GLU B 121 -20.49 -4.40 -14.15
N ILE B 122 -20.35 -3.55 -13.12
CA ILE B 122 -19.29 -3.65 -12.08
C ILE B 122 -19.05 -2.32 -11.39
N MET B 123 -18.11 -1.50 -11.87
CA MET B 123 -17.80 -0.22 -11.24
C MET B 123 -17.10 -0.38 -9.87
N VAL B 124 -16.26 0.59 -9.52
CA VAL B 124 -15.52 0.59 -8.26
C VAL B 124 -14.96 1.96 -7.89
N VAL B 125 -15.84 2.97 -7.82
CA VAL B 125 -15.42 4.30 -7.46
C VAL B 125 -15.07 4.33 -5.97
N ALA B 126 -13.75 4.50 -5.82
CA ALA B 126 -13.30 4.49 -4.44
C ALA B 126 -12.60 5.78 -3.99
N ASN B 127 -11.88 5.66 -2.88
CA ASN B 127 -11.14 6.77 -2.27
C ASN B 127 -9.91 6.26 -1.50
N LEU B 128 -8.73 6.38 -2.11
CA LEU B 128 -7.50 5.93 -1.48
C LEU B 128 -6.41 7.00 -1.46
N PRO B 129 -5.53 6.95 -0.45
CA PRO B 129 -4.41 7.88 -0.33
C PRO B 129 -3.18 7.43 -1.14
N TYR B 130 -2.41 8.40 -1.63
CA TYR B 130 -1.20 8.19 -2.46
C TYR B 130 -0.37 6.92 -2.20
N TYR B 131 -0.08 6.67 -0.93
CA TYR B 131 0.82 5.58 -0.50
C TYR B 131 0.41 4.23 -1.08
N VAL B 132 -0.82 3.84 -0.74
CA VAL B 132 -1.38 2.53 -1.14
C VAL B 132 -2.30 2.61 -2.37
N THR B 133 -2.68 3.81 -2.81
CA THR B 133 -3.69 3.94 -3.85
C THR B 133 -3.28 3.26 -5.15
N THR B 134 -1.99 3.36 -5.46
CA THR B 134 -1.48 2.83 -6.71
C THR B 134 -1.33 1.29 -6.68
N PRO B 135 -0.88 0.72 -5.55
CA PRO B 135 -1.00 -0.73 -5.38
C PRO B 135 -2.42 -1.29 -5.53
N ILE B 136 -3.42 -0.61 -4.99
CA ILE B 136 -4.77 -1.17 -4.92
C ILE B 136 -5.37 -1.31 -6.31
N ILE B 137 -5.35 -0.20 -7.05
CA ILE B 137 -5.81 -0.17 -8.44
C ILE B 137 -5.19 -1.30 -9.28
N MET B 138 -3.90 -1.57 -9.04
CA MET B 138 -3.20 -2.69 -9.65
C MET B 138 -3.88 -3.99 -9.26
N LYS B 139 -3.94 -4.27 -7.97
CA LYS B 139 -4.49 -5.53 -7.43
C LYS B 139 -5.88 -5.88 -7.99
N LEU B 140 -6.76 -4.88 -8.06
CA LEU B 140 -8.10 -5.06 -8.62
C LEU B 140 -8.02 -5.50 -10.08
N LEU B 141 -7.29 -4.71 -10.86
CA LEU B 141 -7.06 -5.00 -12.26
C LEU B 141 -6.35 -6.34 -12.44
N GLU B 142 -5.23 -6.47 -11.73
CA GLU B 142 -4.21 -7.52 -11.89
C GLU B 142 -4.69 -8.97 -12.07
N GLU B 143 -5.79 -9.33 -11.40
CA GLU B 143 -6.38 -10.69 -11.47
C GLU B 143 -7.43 -10.86 -12.59
N HIS B 144 -7.42 -9.95 -13.58
CA HIS B 144 -8.36 -9.96 -14.71
C HIS B 144 -9.82 -10.00 -14.25
N LEU B 145 -10.13 -9.17 -13.25
CA LEU B 145 -11.47 -9.14 -12.68
C LEU B 145 -12.42 -8.45 -13.69
N PRO B 146 -13.71 -8.85 -13.72
CA PRO B 146 -14.62 -8.41 -14.79
C PRO B 146 -15.34 -7.10 -14.47
N LEU B 147 -14.62 -5.98 -14.58
CA LEU B 147 -15.18 -4.66 -14.26
C LEU B 147 -15.40 -3.79 -15.51
N LYS B 148 -16.36 -2.88 -15.42
CA LYS B 148 -16.58 -1.86 -16.46
C LYS B 148 -15.45 -0.85 -16.41
N GLY B 149 -15.18 -0.32 -15.20
CA GLY B 149 -14.11 0.66 -15.02
C GLY B 149 -13.88 1.04 -13.57
N ILE B 150 -12.82 1.81 -13.32
CA ILE B 150 -12.32 2.10 -11.97
C ILE B 150 -12.15 3.60 -11.77
N VAL B 151 -13.16 4.27 -11.24
CA VAL B 151 -13.10 5.70 -11.00
C VAL B 151 -12.54 5.96 -9.61
N VAL B 152 -11.63 6.93 -9.49
CA VAL B 152 -11.03 7.23 -8.19
C VAL B 152 -10.73 8.71 -7.98
N MET B 153 -10.74 9.11 -6.72
CA MET B 153 -10.46 10.48 -6.31
C MET B 153 -9.05 10.56 -5.75
N LEU B 154 -8.26 11.48 -6.30
CA LEU B 154 -6.86 11.73 -5.92
C LEU B 154 -6.60 13.24 -5.85
N GLN B 155 -5.37 13.66 -5.58
CA GLN B 155 -5.01 15.11 -5.54
C GLN B 155 -4.95 15.76 -6.93
N LYS B 156 -4.94 17.09 -6.96
CA LYS B 156 -4.95 17.86 -8.22
C LYS B 156 -3.66 17.65 -8.97
N GLU B 157 -2.55 17.77 -8.24
CA GLU B 157 -1.22 17.56 -8.81
C GLU B 157 -1.16 16.21 -9.54
N VAL B 158 -1.38 15.13 -8.78
CA VAL B 158 -1.12 13.76 -9.23
C VAL B 158 -1.88 13.36 -10.51
N ALA B 159 -3.10 13.88 -10.66
CA ALA B 159 -3.96 13.56 -11.81
C ALA B 159 -3.43 14.21 -13.08
N GLU B 160 -3.09 15.49 -12.95
CA GLU B 160 -2.50 16.27 -14.03
C GLU B 160 -1.22 15.64 -14.58
N ARG B 161 -0.47 14.93 -13.70
CA ARG B 161 0.77 14.23 -14.07
C ARG B 161 0.76 13.43 -15.38
N MET B 162 -0.44 13.12 -15.90
CA MET B 162 -0.56 12.36 -17.13
C MET B 162 -0.03 13.16 -18.32
N ASN B 164 1.20 10.53 -19.89
CA ASN B 164 0.15 9.53 -19.68
C ASN B 164 0.27 8.89 -18.31
N THR B 165 -0.87 8.71 -17.63
CA THR B 165 -0.90 8.11 -16.30
C THR B 165 -0.54 6.64 -16.44
N LYS B 166 0.12 6.08 -15.42
CA LYS B 166 0.67 4.72 -15.50
C LYS B 166 0.98 4.09 -14.13
N ALA B 172 3.30 1.72 -18.16
CA ALA B 172 3.36 0.89 -16.95
C ALA B 172 1.99 0.36 -16.51
N VAL B 173 1.03 1.28 -16.33
CA VAL B 173 -0.33 0.91 -15.97
C VAL B 173 -1.40 1.51 -16.87
N GLN B 174 -1.04 2.08 -18.02
CA GLN B 174 -2.01 2.31 -19.12
C GLN B 174 -2.18 1.06 -20.03
N PHE B 175 -1.51 -0.05 -19.69
CA PHE B 175 -1.76 -1.35 -20.34
C PHE B 175 -3.20 -1.83 -20.14
N TYR B 176 -3.63 -2.00 -18.89
CA TYR B 176 -4.98 -2.54 -18.56
C TYR B 176 -6.11 -1.56 -18.88
N THR B 177 -5.84 -0.26 -18.81
CA THR B 177 -6.88 0.72 -19.10
C THR B 177 -6.33 2.11 -19.39
N GLU B 178 -7.08 2.84 -20.19
CA GLU B 178 -6.73 4.17 -20.63
C GLU B 178 -7.66 5.15 -19.87
N ALA B 179 -7.11 6.30 -19.48
CA ALA B 179 -7.70 7.18 -18.48
C ALA B 179 -8.12 8.55 -19.02
N LYS B 180 -9.08 9.17 -18.33
CA LYS B 180 -9.50 10.56 -18.56
C LYS B 180 -9.72 11.29 -17.22
N THR B 181 -9.01 12.39 -17.03
CA THR B 181 -9.09 13.19 -15.81
C THR B 181 -10.35 14.05 -15.87
N VAL B 182 -11.50 13.43 -15.73
CA VAL B 182 -12.73 14.18 -15.91
C VAL B 182 -13.19 14.76 -14.57
N MET B 183 -13.63 16.02 -14.61
CA MET B 183 -14.15 16.71 -13.43
C MET B 183 -13.18 16.95 -12.27
N ILE B 184 -12.82 18.22 -12.07
CA ILE B 184 -11.95 18.63 -10.96
C ILE B 184 -12.82 18.76 -9.69
N VAL B 185 -12.23 18.60 -8.51
CA VAL B 185 -12.94 18.72 -7.21
C VAL B 185 -12.21 19.65 -6.23
N PRO B 186 -12.82 20.81 -5.89
CA PRO B 186 -12.11 21.82 -5.11
C PRO B 186 -12.13 21.59 -3.59
N LYS B 187 -11.09 22.09 -2.92
CA LYS B 187 -11.02 22.20 -1.46
C LYS B 187 -12.31 22.73 -0.83
N THR B 188 -12.93 23.68 -1.51
CA THR B 188 -14.14 24.32 -1.02
C THR B 188 -15.41 23.44 -0.92
N VAL B 189 -15.30 22.13 -1.20
CA VAL B 189 -16.40 21.17 -0.95
C VAL B 189 -15.93 20.02 -0.01
N PHE B 190 -15.19 20.41 1.03
CA PHE B 190 -14.68 19.45 2.03
C PHE B 190 -14.79 20.05 3.44
N VAL B 191 -14.78 19.19 4.46
CA VAL B 191 -15.10 19.62 5.86
C VAL B 191 -13.90 20.09 6.72
N PRO B 192 -12.86 19.27 6.88
CA PRO B 192 -11.63 19.93 7.30
C PRO B 192 -10.99 20.90 6.28
N GLN B 193 -11.43 20.87 5.00
CA GLN B 193 -10.92 21.78 3.96
C GLN B 193 -9.41 21.56 3.74
N PRO B 194 -9.04 20.51 2.99
CA PRO B 194 -7.62 20.29 2.72
C PRO B 194 -7.09 21.43 1.87
N ASN B 195 -5.80 21.78 2.03
CA ASN B 195 -5.23 22.93 1.32
C ASN B 195 -5.33 22.79 -0.21
N VAL B 196 -4.76 21.72 -0.75
CA VAL B 196 -4.75 21.49 -2.21
C VAL B 196 -6.06 20.89 -2.70
N ASP B 197 -6.61 21.51 -3.74
CA ASP B 197 -7.77 20.96 -4.45
C ASP B 197 -7.41 19.60 -5.05
N SER B 198 -8.44 18.80 -5.35
CA SER B 198 -8.29 17.40 -5.76
C SER B 198 -8.78 17.18 -7.21
N ALA B 199 -8.91 15.91 -7.64
CA ALA B 199 -9.48 15.54 -8.94
C ALA B 199 -10.01 14.09 -8.96
N VAL B 200 -10.86 13.81 -9.94
CA VAL B 200 -11.41 12.48 -10.15
C VAL B 200 -10.90 11.94 -11.47
N ILE B 201 -10.72 10.63 -11.55
CA ILE B 201 -10.13 10.01 -12.72
C ILE B 201 -10.78 8.68 -12.99
N ARG B 202 -11.51 8.56 -14.11
CA ARG B 202 -12.16 7.32 -14.50
C ARG B 202 -11.32 6.52 -15.47
N LEU B 203 -11.38 5.20 -15.34
CA LEU B 203 -10.55 4.28 -16.10
C LEU B 203 -11.40 3.09 -16.54
N ILE B 204 -11.97 3.20 -17.73
CA ILE B 204 -12.75 2.11 -18.37
C ILE B 204 -11.80 1.20 -19.14
N LEU B 205 -11.87 -0.10 -18.85
CA LEU B 205 -10.90 -1.05 -19.34
C LEU B 205 -11.21 -1.44 -20.79
N ARG B 206 -10.16 -1.78 -21.52
CA ARG B 206 -10.28 -2.70 -22.68
C ARG B 206 -8.91 -3.39 -22.90
N ASP B 207 -8.90 -4.49 -23.65
CA ASP B 207 -7.90 -5.62 -23.49
C ASP B 207 -6.56 -5.65 -24.32
N GLY B 208 -5.52 -5.00 -23.81
CA GLY B 208 -4.15 -5.16 -24.28
C GLY B 208 -3.78 -4.40 -25.55
N PRO B 209 -2.86 -3.41 -25.45
CA PRO B 209 -1.98 -2.99 -26.57
C PRO B 209 -0.58 -3.65 -26.55
N GLU B 216 3.14 -15.54 -21.52
CA GLU B 216 3.99 -14.48 -22.05
C GLU B 216 4.26 -13.36 -21.05
N SER B 217 3.23 -12.94 -20.30
CA SER B 217 3.30 -11.78 -19.39
C SER B 217 4.17 -11.96 -18.12
N PHE B 218 5.47 -12.17 -18.34
CA PHE B 218 6.50 -11.85 -17.32
C PHE B 218 6.85 -10.36 -17.45
N PHE B 219 6.41 -9.73 -18.54
CA PHE B 219 6.32 -8.26 -18.68
C PHE B 219 6.07 -7.55 -17.35
N PHE B 220 5.09 -8.03 -16.59
CA PHE B 220 4.76 -7.45 -15.30
C PHE B 220 5.83 -7.71 -14.24
N GLN B 221 6.53 -8.83 -14.37
CA GLN B 221 7.78 -9.04 -13.64
C GLN B 221 8.91 -8.11 -14.15
N LEU B 222 8.87 -7.71 -15.42
CA LEU B 222 9.90 -6.82 -15.98
C LEU B 222 9.85 -5.40 -15.44
N ILE B 223 8.68 -4.78 -15.51
CA ILE B 223 8.49 -3.42 -14.98
C ILE B 223 8.86 -3.34 -13.48
N LYS B 224 8.58 -4.41 -12.73
CA LYS B 224 8.96 -4.50 -11.31
C LYS B 224 10.46 -4.51 -11.16
N ALA B 225 11.12 -5.30 -12.01
CA ALA B 225 12.57 -5.48 -12.00
C ALA B 225 13.33 -4.23 -12.42
N SER B 226 12.81 -3.53 -13.43
CA SER B 226 13.43 -2.33 -13.96
C SER B 226 13.35 -1.09 -13.04
N PHE B 227 12.45 -1.09 -12.05
CA PHE B 227 12.19 0.08 -11.18
C PHE B 227 12.76 -0.06 -9.74
N ALA B 228 13.53 -1.12 -9.47
CA ALA B 228 14.00 -1.45 -8.10
C ALA B 228 14.71 -0.31 -7.37
N GLN B 229 15.88 0.06 -7.87
CA GLN B 229 16.63 1.21 -7.33
C GLN B 229 16.00 2.56 -7.70
N ARG B 230 15.28 2.62 -8.82
CA ARG B 230 14.56 3.81 -9.29
C ARG B 230 15.47 4.91 -9.83
N ARG B 231 16.44 5.32 -9.00
CA ARG B 231 17.35 6.46 -9.26
C ARG B 231 18.63 6.03 -10.02
N LYS B 232 19.10 4.81 -9.77
CA LYS B 232 20.37 4.33 -10.34
C LYS B 232 20.23 3.75 -11.77
N THR B 233 21.34 3.26 -12.33
CA THR B 233 21.45 2.79 -13.72
C THR B 233 20.53 1.60 -14.05
N LEU B 234 20.26 1.41 -15.34
CA LEU B 234 19.40 0.30 -15.80
C LEU B 234 20.11 -1.04 -15.83
N LEU B 235 21.42 -1.04 -16.06
CA LEU B 235 22.30 -2.20 -15.76
C LEU B 235 21.87 -2.72 -14.39
N ASN B 236 21.97 -1.83 -13.41
CA ASN B 236 21.77 -2.13 -12.00
C ASN B 236 20.39 -2.77 -11.70
N ASN B 237 19.34 -2.27 -12.35
CA ASN B 237 17.97 -2.74 -12.10
C ASN B 237 17.74 -4.11 -12.71
N LEU B 238 18.22 -4.32 -13.93
CA LEU B 238 18.19 -5.65 -14.54
C LEU B 238 19.41 -6.53 -14.19
N VAL B 239 20.04 -6.24 -13.06
CA VAL B 239 20.77 -7.25 -12.29
C VAL B 239 20.27 -7.20 -10.83
N ASN B 240 18.96 -6.92 -10.70
CA ASN B 240 18.24 -7.06 -9.45
C ASN B 240 16.90 -7.67 -9.86
N ASN B 241 17.00 -8.88 -10.43
CA ASN B 241 15.85 -9.60 -11.00
C ASN B 241 16.15 -11.11 -11.14
N LEU B 242 16.26 -11.61 -12.37
CA LEU B 242 16.54 -13.04 -12.61
C LEU B 242 17.92 -13.23 -13.25
N PRO B 243 18.97 -13.56 -12.44
CA PRO B 243 20.31 -13.84 -13.00
C PRO B 243 20.39 -15.22 -13.66
N LYS B 249 21.88 -13.72 -18.42
CA LYS B 249 22.39 -13.12 -17.18
C LYS B 249 23.30 -11.92 -17.47
N SER B 250 24.18 -12.07 -18.47
CA SER B 250 25.03 -10.97 -19.00
C SER B 250 24.61 -10.62 -20.44
N THR B 251 24.64 -11.65 -21.30
CA THR B 251 24.30 -11.55 -22.73
C THR B 251 22.92 -10.93 -23.07
N ILE B 252 22.15 -10.58 -22.03
CA ILE B 252 21.09 -9.56 -22.13
C ILE B 252 21.49 -8.48 -23.13
N GLU B 253 22.60 -7.79 -22.83
CA GLU B 253 23.02 -6.56 -23.53
C GLU B 253 22.78 -6.59 -25.05
N GLN B 254 23.16 -7.69 -25.70
CA GLN B 254 22.99 -7.86 -27.16
C GLN B 254 21.59 -7.42 -27.60
N VAL B 255 20.57 -7.88 -26.90
CA VAL B 255 19.18 -7.55 -27.23
C VAL B 255 18.95 -6.03 -27.10
N LEU B 256 19.62 -5.42 -26.13
CA LEU B 256 19.42 -4.02 -25.78
C LEU B 256 19.60 -3.17 -27.04
N GLU B 257 20.82 -3.14 -27.59
CA GLU B 257 21.16 -2.29 -28.74
C GLU B 257 20.73 -2.93 -30.05
N THR B 259 15.79 -3.57 -28.18
CA THR B 259 15.28 -2.89 -29.37
C THR B 259 16.24 -1.76 -29.77
N ASN B 260 16.17 -0.63 -29.08
CA ASN B 260 17.04 0.50 -29.38
C ASN B 260 17.29 1.34 -28.13
N ILE B 261 18.00 0.75 -27.17
CA ILE B 261 18.32 1.44 -25.92
C ILE B 261 19.23 2.64 -26.17
N ASP B 262 19.19 3.56 -25.23
CA ASP B 262 20.15 4.64 -25.25
C ASP B 262 21.37 4.24 -24.37
N GLY B 263 21.35 3.05 -23.77
CA GLY B 263 22.43 2.58 -22.94
C GLY B 263 21.92 2.46 -21.53
N LYS B 264 22.33 3.40 -20.69
CA LYS B 264 21.91 3.38 -19.31
C LYS B 264 20.75 4.32 -19.08
N ARG B 265 19.76 4.20 -19.92
CA ARG B 265 18.56 4.98 -19.80
C ARG B 265 17.83 4.43 -18.57
N ARG B 266 17.16 5.30 -17.84
CA ARG B 266 16.49 4.85 -16.59
C ARG B 266 15.03 4.39 -16.78
N GLY B 267 14.46 3.82 -15.72
CA GLY B 267 13.12 3.24 -15.73
C GLY B 267 12.01 4.19 -16.15
N GLU B 268 11.99 5.37 -15.52
CA GLU B 268 10.93 6.35 -15.73
C GLU B 268 10.93 7.04 -17.12
N SER B 269 11.88 6.68 -17.99
CA SER B 269 11.97 7.22 -19.37
C SER B 269 11.11 6.42 -20.35
N LEU B 270 11.34 5.11 -20.37
CA LEU B 270 10.90 4.21 -21.45
C LEU B 270 9.43 4.28 -21.80
N SER B 271 9.10 4.54 -23.07
CA SER B 271 7.70 4.63 -23.50
C SER B 271 7.02 3.28 -23.27
N ILE B 272 5.69 3.32 -23.18
CA ILE B 272 4.89 2.14 -22.86
C ILE B 272 5.02 1.04 -23.91
N GLU B 273 5.08 1.42 -25.19
CA GLU B 273 5.27 0.49 -26.30
C GLU B 273 6.73 -0.02 -26.33
N GLU B 274 7.68 0.87 -26.06
CA GLU B 274 9.09 0.52 -25.89
C GLU B 274 9.29 -0.58 -24.86
N PHE B 275 8.57 -0.46 -23.74
CA PHE B 275 8.68 -1.43 -22.63
C PHE B 275 8.18 -2.83 -22.96
N ALA B 276 7.29 -2.93 -23.94
CA ALA B 276 6.87 -4.23 -24.46
C ALA B 276 8.01 -4.92 -25.25
N ALA B 277 8.68 -4.15 -26.12
CA ALA B 277 9.70 -4.67 -27.02
C ALA B 277 10.78 -5.46 -26.30
N LEU B 278 11.24 -4.94 -25.17
CA LEU B 278 12.26 -5.59 -24.33
C LEU B 278 11.78 -6.93 -23.79
N SER B 279 10.56 -6.92 -23.26
CA SER B 279 9.94 -8.13 -22.74
C SER B 279 9.96 -9.30 -23.77
N ASN B 280 9.83 -8.97 -25.05
CA ASN B 280 9.79 -9.96 -26.12
C ASN B 280 11.14 -10.52 -26.53
N GLY B 281 12.16 -9.67 -26.56
CA GLY B 281 13.55 -10.12 -26.71
C GLY B 281 13.96 -10.68 -25.36
N LEU B 282 13.39 -11.82 -25.02
CA LEU B 282 13.56 -12.46 -23.71
C LEU B 282 13.09 -13.93 -23.75
N TYR B 283 13.85 -14.77 -24.48
CA TYR B 283 13.54 -16.21 -24.61
#